data_2PR7
#
_entry.id   2PR7
#
_cell.length_a   29.149
_cell.length_b   45.153
_cell.length_c   60.777
_cell.angle_alpha   100.720
_cell.angle_beta   103.860
_cell.angle_gamma   103.310
#
_symmetry.space_group_name_H-M   'P 1'
#
loop_
_entity.id
_entity.type
_entity.pdbx_description
1 polymer 'Haloacid dehalogenase/epoxide hydrolase family'
2 non-polymer 'CALCIUM ION'
3 non-polymer 1,2-ETHANEDIOL
4 water water
#
_entity_poly.entity_id   1
_entity_poly.type   'polypeptide(L)'
_entity_poly.pdbx_seq_one_letter_code
;G(MSE)RGLIVDYAGVLDGTDEDQRRWRNLLAAAKKNGVGTVILSNDPGGLGAAPIRELETNGVVDKVLLSGELGVEKPE
EAAFQAAADAIDLP(MSE)RDCVLVDDSILNVRGAVEAGLVGVYYQQFDRAVVEIVGLFGLEGEF
;
_entity_poly.pdbx_strand_id   A,B
#
# COMPACT_ATOMS: atom_id res chain seq x y z
N GLY A 1 21.72 7.02 -9.40
CA GLY A 1 21.08 6.45 -8.15
C GLY A 1 19.80 7.12 -7.69
N ARG A 3 18.11 9.64 -5.99
CA ARG A 3 18.60 10.98 -5.73
C ARG A 3 17.47 11.95 -5.39
N GLY A 4 16.23 11.59 -5.62
CA GLY A 4 15.11 12.47 -5.46
C GLY A 4 14.01 11.84 -4.63
N LEU A 5 13.44 12.61 -3.71
CA LEU A 5 12.30 12.19 -2.86
C LEU A 5 11.14 13.14 -3.08
N ILE A 6 10.07 12.58 -3.62
CA ILE A 6 8.85 13.32 -3.98
C ILE A 6 7.77 12.81 -2.98
N VAL A 7 7.20 13.68 -2.17
CA VAL A 7 6.23 13.26 -1.14
CA VAL A 7 6.24 13.26 -1.14
C VAL A 7 4.95 14.05 -1.22
N ASP A 8 3.85 13.41 -0.87
CA ASP A 8 2.57 14.09 -0.79
C ASP A 8 2.55 14.85 0.48
N TYR A 9 1.64 15.83 0.58
CA TYR A 9 1.44 16.52 1.83
C TYR A 9 0.27 15.88 2.60
N ALA A 10 -0.99 16.01 2.10
CA ALA A 10 -2.14 15.56 2.85
C ALA A 10 -2.10 14.05 2.98
N GLY A 11 -2.25 13.54 4.19
CA GLY A 11 -2.16 12.12 4.37
C GLY A 11 -0.76 11.53 4.54
N VAL A 12 0.25 12.39 4.42
CA VAL A 12 1.61 11.93 4.59
C VAL A 12 2.33 12.81 5.60
N LEU A 13 2.34 14.12 5.39
CA LEU A 13 3.15 15.07 6.18
C LEU A 13 2.30 15.85 7.16
N ASP A 14 0.99 15.63 7.18
CA ASP A 14 0.13 16.40 8.05
C ASP A 14 -0.57 15.62 9.18
N GLY A 15 0.10 14.56 9.64
CA GLY A 15 -0.42 13.67 10.66
C GLY A 15 -0.21 14.19 12.07
N THR A 16 -0.06 13.25 12.99
CA THR A 16 0.15 13.61 14.39
C THR A 16 1.47 14.36 14.55
N ASP A 17 1.64 14.98 15.71
CA ASP A 17 2.87 15.73 16.02
C ASP A 17 4.06 14.79 16.05
N GLU A 18 3.86 13.58 16.57
CA GLU A 18 4.92 12.56 16.51
C GLU A 18 5.34 12.27 15.07
N ASP A 19 4.37 12.02 14.18
CA ASP A 19 4.67 11.65 12.80
C ASP A 19 5.37 12.81 12.11
N GLN A 20 4.95 14.02 12.38
CA GLN A 20 5.55 15.18 11.74
C GLN A 20 6.98 15.36 12.21
N ARG A 21 7.24 15.15 13.50
CA ARG A 21 8.63 15.20 14.03
C ARG A 21 9.49 14.16 13.30
N ARG A 22 8.98 12.94 13.17
CA ARG A 22 9.68 11.86 12.48
C ARG A 22 9.98 12.21 11.00
N TRP A 23 9.04 12.83 10.34
CA TRP A 23 9.22 13.25 8.96
C TRP A 23 10.25 14.36 8.87
N ARG A 24 10.25 15.28 9.83
CA ARG A 24 11.21 16.38 9.78
C ARG A 24 12.63 15.88 9.93
N ASN A 25 12.81 14.89 10.78
CA ASN A 25 14.11 14.31 10.98
C ASN A 25 14.52 13.51 9.74
N LEU A 26 13.62 12.78 9.16
CA LEU A 26 13.91 12.02 7.97
C LEU A 26 14.29 12.95 6.79
N LEU A 27 13.52 14.01 6.57
CA LEU A 27 13.79 14.96 5.49
C LEU A 27 15.10 15.66 5.74
N ALA A 28 15.41 15.99 6.98
CA ALA A 28 16.69 16.62 7.27
C ALA A 28 17.85 15.69 6.95
N ALA A 29 17.71 14.43 7.31
CA ALA A 29 18.75 13.44 6.94
C ALA A 29 18.89 13.28 5.44
N ALA A 30 17.80 13.29 4.74
CA ALA A 30 17.82 13.14 3.29
C ALA A 30 18.55 14.32 2.68
N LYS A 31 18.18 15.51 3.10
CA LYS A 31 18.83 16.72 2.61
CA LYS A 31 18.85 16.72 2.62
C LYS A 31 20.36 16.66 2.83
N LYS A 32 20.80 16.26 4.02
CA LYS A 32 22.24 16.17 4.32
C LYS A 32 22.97 15.17 3.43
N ASN A 33 22.29 14.12 3.02
CA ASN A 33 22.84 13.14 2.11
C ASN A 33 22.75 13.62 0.63
N GLY A 34 22.30 14.85 0.39
CA GLY A 34 22.19 15.35 -0.98
C GLY A 34 20.94 14.95 -1.74
N VAL A 35 19.95 14.40 -1.04
CA VAL A 35 18.72 13.98 -1.71
C VAL A 35 17.89 15.22 -1.98
N GLY A 36 17.44 15.42 -3.21
CA GLY A 36 16.50 16.51 -3.49
C GLY A 36 15.10 16.14 -3.05
N THR A 37 14.36 17.13 -2.54
CA THR A 37 13.06 16.87 -1.94
C THR A 37 12.02 17.79 -2.51
N VAL A 38 10.89 17.19 -2.93
CA VAL A 38 9.76 17.93 -3.48
C VAL A 38 8.47 17.44 -2.84
N ILE A 39 7.60 18.36 -2.46
CA ILE A 39 6.23 18.02 -2.09
C ILE A 39 5.44 18.20 -3.37
N LEU A 40 4.76 17.12 -3.77
CA LEU A 40 3.89 17.13 -4.96
C LEU A 40 2.52 16.80 -4.44
N SER A 41 1.65 17.81 -4.44
CA SER A 41 0.35 17.67 -3.83
C SER A 41 -0.78 18.00 -4.80
N ASN A 42 -1.85 17.18 -4.78
CA ASN A 42 -3.06 17.50 -5.51
C ASN A 42 -3.86 18.38 -4.55
N ASP A 43 -3.86 19.69 -4.80
CA ASP A 43 -4.38 20.68 -3.87
C ASP A 43 -4.66 21.89 -4.75
N PRO A 44 -5.73 22.64 -4.45
CA PRO A 44 -6.03 23.83 -5.27
C PRO A 44 -4.94 24.89 -5.25
N GLY A 45 -4.11 24.87 -4.20
CA GLY A 45 -3.00 25.78 -4.11
C GLY A 45 -3.43 27.18 -3.74
N GLY A 46 -2.63 28.18 -4.11
CA GLY A 46 -2.91 29.53 -3.71
C GLY A 46 -2.78 29.78 -2.19
N LEU A 47 -3.48 30.81 -1.73
CA LEU A 47 -3.35 31.28 -0.37
C LEU A 47 -3.67 30.19 0.67
N GLY A 48 -4.66 29.37 0.36
CA GLY A 48 -5.09 28.31 1.23
C GLY A 48 -4.03 27.24 1.47
N ALA A 49 -3.05 27.15 0.56
CA ALA A 49 -1.96 26.19 0.67
C ALA A 49 -0.72 26.78 1.35
N ALA A 50 -0.85 27.96 1.97
CA ALA A 50 0.32 28.61 2.62
C ALA A 50 1.05 27.68 3.62
N PRO A 51 0.29 26.86 4.40
CA PRO A 51 0.99 25.92 5.29
C PRO A 51 1.93 24.99 4.55
N ILE A 52 1.55 24.57 3.35
CA ILE A 52 2.37 23.65 2.59
C ILE A 52 3.58 24.40 2.04
N ARG A 53 3.30 25.53 1.42
CA ARG A 53 4.37 26.34 0.83
C ARG A 53 5.43 26.78 1.83
N GLU A 54 5.04 27.00 3.09
CA GLU A 54 5.96 27.34 4.16
C GLU A 54 7.09 26.35 4.32
N LEU A 55 6.82 25.08 4.01
CA LEU A 55 7.85 24.06 4.06
C LEU A 55 8.97 24.29 3.04
N GLU A 56 8.65 24.89 1.92
CA GLU A 56 9.69 25.28 0.97
C GLU A 56 10.39 26.55 1.47
N THR A 57 9.60 27.56 1.82
CA THR A 57 10.15 28.81 2.35
C THR A 57 11.14 28.59 3.50
N ASN A 58 10.76 27.74 4.45
CA ASN A 58 11.61 27.46 5.61
C ASN A 58 12.71 26.40 5.38
N GLY A 59 12.84 25.88 4.16
CA GLY A 59 13.92 24.95 3.84
C GLY A 59 13.74 23.47 4.23
N VAL A 60 12.54 23.09 4.66
CA VAL A 60 12.27 21.70 5.05
C VAL A 60 12.34 20.81 3.81
N VAL A 61 11.79 21.31 2.70
CA VAL A 61 11.95 20.68 1.42
C VAL A 61 12.52 21.70 0.43
N ASP A 62 13.02 21.19 -0.69
CA ASP A 62 13.57 22.03 -1.76
C ASP A 62 12.47 22.76 -2.52
N LYS A 63 11.36 22.07 -2.79
CA LYS A 63 10.31 22.64 -3.60
C LYS A 63 8.93 22.13 -3.20
N VAL A 64 7.92 22.96 -3.40
CA VAL A 64 6.54 22.59 -3.24
C VAL A 64 5.82 22.84 -4.57
N LEU A 65 5.16 21.80 -5.07
CA LEU A 65 4.37 21.86 -6.31
C LEU A 65 2.92 21.48 -6.00
N LEU A 66 1.95 22.31 -6.43
CA LEU A 66 0.55 22.09 -6.13
C LEU A 66 -0.20 22.00 -7.44
N SER A 67 -0.97 20.93 -7.62
CA SER A 67 -1.69 20.70 -8.87
C SER A 67 -2.51 21.92 -9.36
N GLY A 68 -3.17 22.64 -8.45
CA GLY A 68 -3.99 23.77 -8.84
C GLY A 68 -3.21 24.91 -9.48
N GLU A 69 -1.90 24.92 -9.25
CA GLU A 69 -0.98 25.91 -9.81
C GLU A 69 -0.27 25.35 -11.03
N LEU A 70 -0.05 24.04 -11.07
CA LEU A 70 0.61 23.39 -12.19
C LEU A 70 -0.28 23.22 -13.39
N GLY A 71 -1.55 23.04 -13.19
CA GLY A 71 -2.42 22.65 -14.30
C GLY A 71 -2.42 21.17 -14.64
N VAL A 72 -1.71 20.35 -13.86
CA VAL A 72 -1.71 18.88 -14.02
C VAL A 72 -1.77 18.28 -12.64
N GLU A 73 -2.25 17.04 -12.52
CA GLU A 73 -2.38 16.41 -11.24
C GLU A 73 -1.88 14.96 -11.27
N LYS A 74 -1.48 14.46 -10.12
CA LYS A 74 -1.18 13.04 -9.99
C LYS A 74 -2.50 12.33 -10.27
N PRO A 75 -2.46 11.16 -10.90
CA PRO A 75 -1.29 10.37 -11.33
C PRO A 75 -0.69 10.65 -12.72
C PRO A 75 -0.84 10.58 -12.78
N GLU A 76 -1.03 11.77 -13.33
CA GLU A 76 -0.55 12.09 -14.68
C GLU A 76 0.95 12.14 -14.71
N GLU A 77 1.55 11.53 -15.73
CA GLU A 77 3.00 11.52 -15.86
C GLU A 77 3.58 12.95 -15.79
N ALA A 78 2.89 13.91 -16.41
CA ALA A 78 3.29 15.32 -16.39
C ALA A 78 3.50 15.93 -14.98
N ALA A 79 2.72 15.46 -14.02
CA ALA A 79 2.83 15.92 -12.64
C ALA A 79 4.14 15.39 -12.08
N PHE A 80 4.40 14.10 -12.27
CA PHE A 80 5.69 13.53 -11.79
C PHE A 80 6.90 14.15 -12.46
N GLN A 81 6.77 14.39 -13.77
CA GLN A 81 7.81 15.01 -14.57
C GLN A 81 8.13 16.40 -14.05
N ALA A 82 7.10 17.14 -13.66
CA ALA A 82 7.30 18.49 -13.14
C ALA A 82 8.08 18.44 -11.84
N ALA A 83 7.75 17.44 -11.00
CA ALA A 83 8.41 17.29 -9.72
C ALA A 83 9.90 16.95 -9.91
N ALA A 84 10.16 16.01 -10.83
CA ALA A 84 11.51 15.59 -11.14
C ALA A 84 12.29 16.79 -11.69
N ASP A 85 11.70 17.48 -12.69
CA ASP A 85 12.29 18.69 -13.26
C ASP A 85 12.65 19.73 -12.19
N ALA A 86 11.78 19.88 -11.18
CA ALA A 86 11.97 20.92 -10.12
C ALA A 86 13.26 20.75 -9.32
N ILE A 87 13.75 19.50 -9.23
CA ILE A 87 14.99 19.19 -8.51
C ILE A 87 16.06 18.69 -9.47
N ASP A 88 15.84 18.95 -10.77
CA ASP A 88 16.80 18.73 -11.84
C ASP A 88 17.23 17.25 -11.98
N LEU A 89 16.30 16.31 -11.87
CA LEU A 89 16.59 14.88 -11.98
C LEU A 89 15.69 14.25 -13.02
N PRO A 90 16.11 13.12 -13.62
CA PRO A 90 15.18 12.28 -14.38
C PRO A 90 14.21 11.60 -13.44
N ARG A 92 13.30 8.62 -13.34
CA ARG A 92 13.81 7.30 -12.93
C ARG A 92 14.68 7.38 -11.67
N ASP A 93 15.22 8.57 -11.33
CA ASP A 93 16.06 8.72 -10.16
C ASP A 93 15.27 9.15 -8.92
N CYS A 94 13.95 9.18 -9.05
CA CYS A 94 13.10 9.66 -7.96
C CYS A 94 12.26 8.56 -7.39
N VAL A 95 12.00 8.72 -6.08
CA VAL A 95 11.06 7.96 -5.29
C VAL A 95 9.82 8.81 -5.02
N LEU A 96 8.62 8.26 -5.20
CA LEU A 96 7.40 8.93 -4.80
C LEU A 96 6.86 8.25 -3.54
N VAL A 97 6.55 9.02 -2.52
CA VAL A 97 5.87 8.50 -1.38
C VAL A 97 4.47 9.12 -1.35
N ASP A 98 3.43 8.29 -1.34
CA ASP A 98 2.08 8.81 -1.45
C ASP A 98 1.13 7.81 -0.81
N ASP A 99 0.07 8.33 -0.20
CA ASP A 99 -0.93 7.48 0.47
C ASP A 99 -2.02 6.96 -0.51
N SER A 100 -1.94 7.35 -1.77
CA SER A 100 -2.85 6.89 -2.81
CA SER A 100 -2.86 6.87 -2.79
C SER A 100 -2.19 5.82 -3.67
N ILE A 101 -2.76 4.61 -3.65
CA ILE A 101 -2.20 3.53 -4.44
CA ILE A 101 -2.31 3.47 -4.45
C ILE A 101 -2.20 3.86 -5.92
N LEU A 102 -3.23 4.52 -6.41
CA LEU A 102 -3.30 4.96 -7.77
C LEU A 102 -2.15 5.93 -8.13
N ASN A 103 -1.80 6.81 -7.21
CA ASN A 103 -0.67 7.72 -7.46
C ASN A 103 0.65 6.95 -7.48
N VAL A 104 0.80 6.01 -6.57
CA VAL A 104 2.03 5.20 -6.49
C VAL A 104 2.14 4.35 -7.76
N ARG A 105 1.06 3.72 -8.19
CA ARG A 105 1.11 2.90 -9.41
C ARG A 105 1.42 3.73 -10.64
N GLY A 106 0.79 4.90 -10.73
CA GLY A 106 1.10 5.86 -11.76
C GLY A 106 2.57 6.23 -11.80
N ALA A 107 3.17 6.40 -10.63
CA ALA A 107 4.56 6.78 -10.57
C ALA A 107 5.43 5.66 -11.10
N VAL A 108 5.13 4.45 -10.65
CA VAL A 108 5.88 3.26 -11.09
C VAL A 108 5.79 3.09 -12.61
N GLU A 109 4.61 3.29 -13.13
CA GLU A 109 4.40 3.22 -14.58
C GLU A 109 5.21 4.28 -15.34
N ALA A 110 5.40 5.44 -14.73
CA ALA A 110 6.23 6.52 -15.31
C ALA A 110 7.73 6.27 -15.14
N GLY A 111 8.11 5.26 -14.37
CA GLY A 111 9.53 4.96 -14.16
C GLY A 111 10.14 5.38 -12.85
N LEU A 112 9.33 5.98 -11.98
CA LEU A 112 9.80 6.26 -10.67
C LEU A 112 9.78 4.98 -9.82
N VAL A 113 10.47 5.05 -8.67
CA VAL A 113 10.31 4.07 -7.59
C VAL A 113 9.15 4.51 -6.69
N GLY A 114 8.23 3.61 -6.40
CA GLY A 114 7.03 3.94 -5.64
C GLY A 114 7.08 3.42 -4.21
N VAL A 115 6.60 4.21 -3.26
CA VAL A 115 6.42 3.76 -1.89
C VAL A 115 5.04 4.15 -1.46
N TYR A 116 4.22 3.13 -1.14
CA TYR A 116 2.86 3.34 -0.63
C TYR A 116 2.89 3.67 0.86
N TYR A 117 2.33 4.82 1.24
CA TYR A 117 2.32 5.31 2.61
C TYR A 117 1.00 5.00 3.25
N GLN A 118 1.00 3.96 4.05
CA GLN A 118 -0.18 3.69 4.88
C GLN A 118 0.15 3.91 6.35
N GLN A 119 1.36 3.58 6.79
CA GLN A 119 1.77 3.88 8.17
C GLN A 119 3.22 4.22 8.12
N PHE A 120 3.63 5.20 8.93
CA PHE A 120 4.98 5.69 8.89
C PHE A 120 5.97 4.55 9.09
N ASP A 121 5.73 3.69 10.07
CA ASP A 121 6.68 2.64 10.41
C ASP A 121 6.99 1.72 9.26
N ARG A 122 6.03 1.45 8.41
CA ARG A 122 6.27 0.59 7.25
C ARG A 122 7.03 1.36 6.19
N ALA A 123 6.55 2.54 5.85
CA ALA A 123 7.14 3.32 4.80
C ALA A 123 8.58 3.77 5.08
N VAL A 124 8.89 4.12 6.34
CA VAL A 124 10.22 4.58 6.67
C VAL A 124 11.31 3.55 6.34
N VAL A 125 11.01 2.29 6.55
CA VAL A 125 11.97 1.21 6.25
C VAL A 125 12.40 1.29 4.77
N GLU A 126 11.41 1.43 3.89
CA GLU A 126 11.63 1.55 2.47
C GLU A 126 12.41 2.80 2.14
N ILE A 127 12.04 3.94 2.73
CA ILE A 127 12.67 5.17 2.36
C ILE A 127 14.13 5.13 2.75
N VAL A 128 14.39 4.77 4.01
CA VAL A 128 15.71 4.73 4.53
C VAL A 128 16.61 3.79 3.73
N GLY A 129 16.04 2.66 3.30
CA GLY A 129 16.77 1.67 2.51
C GLY A 129 17.12 2.19 1.12
N LEU A 130 16.18 2.86 0.49
CA LEU A 130 16.35 3.40 -0.87
C LEU A 130 17.43 4.47 -0.93
N PHE A 131 17.51 5.28 0.12
CA PHE A 131 18.46 6.41 0.16
C PHE A 131 19.72 6.11 0.92
N GLY A 132 19.80 4.96 1.59
CA GLY A 132 21.00 4.57 2.35
C GLY A 132 21.28 5.42 3.54
N LEU A 133 20.22 5.86 4.19
CA LEU A 133 20.33 6.70 5.38
C LEU A 133 20.73 5.84 6.57
N GLU A 134 21.44 6.45 7.50
CA GLU A 134 21.96 5.74 8.65
CA GLU A 134 21.97 5.75 8.65
C GLU A 134 21.13 6.08 9.88
N GLY A 135 20.83 5.05 10.67
CA GLY A 135 20.05 5.20 11.90
C GLY A 135 18.60 4.78 11.80
N GLU A 136 17.89 4.88 12.91
CA GLU A 136 16.47 4.58 12.96
C GLU A 136 15.67 5.87 12.92
N PHE A 137 14.71 5.94 12.00
CA PHE A 137 13.90 7.13 11.81
C PHE A 137 12.45 6.89 12.23
N GLY B 1 8.77 -6.61 -2.20
CA GLY B 1 7.55 -6.18 -2.95
C GLY B 1 6.26 -6.80 -2.45
N ARG B 3 3.92 -9.27 -2.56
CA ARG B 3 3.93 -10.58 -3.18
C ARG B 3 2.91 -11.55 -2.60
N GLY B 4 2.21 -11.13 -1.55
CA GLY B 4 1.24 -12.04 -0.91
C GLY B 4 -0.12 -11.40 -0.78
N LEU B 5 -1.18 -12.15 -1.06
CA LEU B 5 -2.57 -11.72 -0.96
C LEU B 5 -3.28 -12.66 -0.03
N ILE B 6 -3.64 -12.12 1.13
CA ILE B 6 -4.39 -12.86 2.19
C ILE B 6 -5.83 -12.29 2.18
N VAL B 7 -6.83 -13.16 2.06
CA VAL B 7 -8.20 -12.76 1.91
CA VAL B 7 -8.22 -12.74 1.93
C VAL B 7 -9.07 -13.52 2.91
N ASP B 8 -10.09 -12.86 3.45
CA ASP B 8 -11.08 -13.60 4.22
C ASP B 8 -11.96 -14.34 3.30
N TYR B 9 -12.74 -15.29 3.85
CA TYR B 9 -13.73 -15.98 3.09
C TYR B 9 -15.11 -15.32 3.29
N ALA B 10 -15.69 -15.51 4.46
CA ALA B 10 -17.03 -14.99 4.70
C ALA B 10 -17.05 -13.45 4.63
N GLY B 11 -17.98 -12.92 3.85
CA GLY B 11 -18.08 -11.48 3.63
C GLY B 11 -17.15 -10.93 2.54
N VAL B 12 -16.36 -11.81 1.93
CA VAL B 12 -15.49 -11.38 0.85
C VAL B 12 -15.65 -12.29 -0.35
N LEU B 13 -15.46 -13.58 -0.17
CA LEU B 13 -15.47 -14.53 -1.26
C LEU B 13 -16.76 -15.33 -1.38
N ASP B 14 -17.73 -15.09 -0.51
CA ASP B 14 -18.93 -15.89 -0.51
C ASP B 14 -20.19 -15.08 -0.88
N GLY B 15 -20.05 -14.10 -1.78
CA GLY B 15 -21.17 -13.25 -2.14
C GLY B 15 -21.95 -13.77 -3.32
N THR B 16 -22.53 -12.84 -4.04
CA THR B 16 -23.30 -13.26 -5.23
C THR B 16 -22.44 -13.99 -6.27
N ASP B 17 -23.09 -14.66 -7.23
CA ASP B 17 -22.41 -15.41 -8.29
C ASP B 17 -21.61 -14.40 -9.09
N GLU B 18 -22.17 -13.21 -9.26
CA GLU B 18 -21.44 -12.11 -9.88
C GLU B 18 -20.12 -11.77 -9.17
N ASP B 19 -20.18 -11.48 -7.86
CA ASP B 19 -18.97 -11.13 -7.15
C ASP B 19 -17.95 -12.27 -7.05
N GLN B 20 -18.45 -13.50 -6.91
CA GLN B 20 -17.56 -14.67 -6.91
C GLN B 20 -16.82 -14.82 -8.23
N ARG B 21 -17.51 -14.61 -9.36
CA ARG B 21 -16.88 -14.68 -10.65
CA ARG B 21 -16.88 -14.66 -10.65
C ARG B 21 -15.76 -13.62 -10.75
N ARG B 22 -16.04 -12.40 -10.28
CA ARG B 22 -15.06 -11.31 -10.32
C ARG B 22 -13.83 -11.67 -9.45
N TRP B 23 -14.09 -12.24 -8.28
CA TRP B 23 -13.03 -12.71 -7.43
C TRP B 23 -12.22 -13.82 -8.05
N ARG B 24 -12.82 -14.76 -8.78
CA ARG B 24 -12.09 -15.86 -9.44
C ARG B 24 -11.16 -15.27 -10.49
N ASN B 25 -11.62 -14.22 -11.15
CA ASN B 25 -10.81 -13.59 -12.19
C ASN B 25 -9.64 -12.89 -11.55
N LEU B 26 -9.89 -12.20 -10.43
CA LEU B 26 -8.87 -11.38 -9.72
C LEU B 26 -7.80 -12.32 -9.15
N LEU B 27 -8.25 -13.38 -8.53
CA LEU B 27 -7.34 -14.38 -7.95
C LEU B 27 -6.56 -15.10 -9.09
N ALA B 28 -7.14 -15.45 -10.27
CA ALA B 28 -6.42 -16.04 -11.36
C ALA B 28 -5.33 -15.07 -11.88
N ALA B 29 -5.67 -13.80 -11.98
CA ALA B 29 -4.70 -12.77 -12.38
C ALA B 29 -3.56 -12.68 -11.35
N ALA B 30 -3.89 -12.67 -10.08
CA ALA B 30 -2.85 -12.64 -9.03
C ALA B 30 -1.88 -13.83 -9.19
N LYS B 31 -2.44 -15.03 -9.29
CA LYS B 31 -1.65 -16.24 -9.55
C LYS B 31 -0.73 -16.12 -10.76
N LYS B 32 -1.26 -15.64 -11.87
CA LYS B 32 -0.51 -15.51 -13.11
C LYS B 32 0.66 -14.56 -12.93
N ASN B 33 0.50 -13.58 -12.03
CA ASN B 33 1.56 -12.61 -11.75
C ASN B 33 2.51 -13.10 -10.66
N GLY B 34 2.34 -14.33 -10.18
CA GLY B 34 3.22 -14.91 -9.17
C GLY B 34 2.90 -14.50 -7.75
N VAL B 35 1.72 -13.93 -7.54
CA VAL B 35 1.29 -13.54 -6.21
C VAL B 35 0.77 -14.74 -5.44
N GLY B 36 1.30 -14.96 -4.25
CA GLY B 36 0.83 -16.05 -3.41
C GLY B 36 -0.50 -15.66 -2.79
N THR B 37 -1.43 -16.62 -2.70
CA THR B 37 -2.77 -16.38 -2.22
C THR B 37 -3.18 -17.31 -1.08
N VAL B 38 -3.68 -16.71 -0.01
CA VAL B 38 -4.10 -17.45 1.19
CA VAL B 38 -4.14 -17.51 1.10
C VAL B 38 -5.46 -16.95 1.63
N ILE B 39 -6.36 -17.88 1.96
CA ILE B 39 -7.59 -17.53 2.65
C ILE B 39 -7.28 -17.69 4.15
N LEU B 40 -7.48 -16.62 4.93
CA LEU B 40 -7.31 -16.65 6.37
C LEU B 40 -8.67 -16.30 6.92
N SER B 41 -9.34 -17.28 7.52
CA SER B 41 -10.73 -17.17 7.89
C SER B 41 -10.93 -17.50 9.38
N ASN B 42 -11.68 -16.67 10.11
CA ASN B 42 -12.13 -17.02 11.45
C ASN B 42 -13.36 -17.89 11.27
N ASP B 43 -13.18 -19.17 11.47
CA ASP B 43 -14.19 -20.18 11.20
C ASP B 43 -13.82 -21.39 12.03
N PRO B 44 -14.82 -22.12 12.53
CA PRO B 44 -14.46 -23.31 13.32
C PRO B 44 -13.66 -24.39 12.55
N GLY B 45 -13.80 -24.39 11.23
CA GLY B 45 -13.06 -25.30 10.40
C GLY B 45 -13.63 -26.68 10.42
N GLY B 46 -12.76 -27.64 10.07
CA GLY B 46 -13.19 -28.99 9.94
C GLY B 46 -14.17 -29.24 8.83
N LEU B 47 -15.01 -30.24 8.99
CA LEU B 47 -15.83 -30.75 7.89
C LEU B 47 -16.75 -29.65 7.35
N GLY B 48 -17.26 -28.83 8.25
CA GLY B 48 -18.15 -27.73 7.94
C GLY B 48 -17.53 -26.70 7.04
N ALA B 49 -16.20 -26.65 6.99
CA ALA B 49 -15.51 -25.69 6.14
C ALA B 49 -15.08 -26.29 4.79
N ALA B 50 -15.60 -27.45 4.43
CA ALA B 50 -15.26 -28.11 3.17
C ALA B 50 -15.35 -27.14 1.96
N PRO B 51 -16.41 -26.33 1.88
CA PRO B 51 -16.50 -25.33 0.80
C PRO B 51 -15.32 -24.40 0.71
N ILE B 52 -14.77 -23.98 1.85
CA ILE B 52 -13.64 -23.06 1.85
C ILE B 52 -12.40 -23.83 1.39
N ARG B 53 -12.20 -25.00 1.97
CA ARG B 53 -11.04 -25.82 1.70
CA ARG B 53 -11.05 -25.85 1.70
C ARG B 53 -10.97 -26.26 0.23
N GLU B 54 -12.13 -26.45 -0.39
CA GLU B 54 -12.24 -26.77 -1.81
C GLU B 54 -11.48 -25.75 -2.67
N LEU B 55 -11.45 -24.49 -2.23
CA LEU B 55 -10.72 -23.48 -3.01
C LEU B 55 -9.21 -23.72 -3.03
N GLU B 56 -8.64 -24.37 -2.02
CA GLU B 56 -7.25 -24.76 -2.04
C GLU B 56 -7.07 -25.99 -2.89
N THR B 57 -7.95 -26.95 -2.69
CA THR B 57 -7.87 -28.24 -3.43
CA THR B 57 -7.84 -28.23 -3.41
C THR B 57 -7.94 -28.02 -4.93
N ASN B 58 -8.87 -27.17 -5.36
CA ASN B 58 -9.06 -26.84 -6.75
C ASN B 58 -8.10 -25.75 -7.29
N GLY B 59 -7.16 -25.28 -6.47
CA GLY B 59 -6.13 -24.36 -6.96
C GLY B 59 -6.54 -22.91 -7.16
N VAL B 60 -7.75 -22.53 -6.73
CA VAL B 60 -8.19 -21.14 -6.78
C VAL B 60 -7.29 -20.23 -5.90
N VAL B 61 -6.93 -20.74 -4.74
CA VAL B 61 -5.91 -20.17 -3.91
C VAL B 61 -4.84 -21.18 -3.55
N ASP B 62 -3.68 -20.68 -3.10
CA ASP B 62 -2.58 -21.56 -2.72
C ASP B 62 -2.87 -22.30 -1.41
N LYS B 63 -3.47 -21.61 -0.44
CA LYS B 63 -3.64 -22.15 0.90
C LYS B 63 -4.89 -21.64 1.57
N VAL B 64 -5.51 -22.50 2.38
CA VAL B 64 -6.64 -22.13 3.21
C VAL B 64 -6.26 -22.37 4.69
N LEU B 65 -6.41 -21.32 5.52
CA LEU B 65 -6.15 -21.40 6.94
C LEU B 65 -7.42 -21.00 7.71
N LEU B 66 -7.81 -21.81 8.70
CA LEU B 66 -9.04 -21.59 9.43
C LEU B 66 -8.68 -21.53 10.90
N SER B 67 -9.17 -20.48 11.57
CA SER B 67 -8.81 -20.23 12.98
C SER B 67 -9.07 -21.41 13.91
N GLY B 68 -10.16 -22.11 13.68
CA GLY B 68 -10.52 -23.25 14.52
C GLY B 68 -9.54 -24.40 14.44
N GLU B 69 -8.77 -24.45 13.35
CA GLU B 69 -7.68 -25.43 13.12
C GLU B 69 -6.32 -24.89 13.56
N LEU B 70 -6.13 -23.58 13.43
CA LEU B 70 -4.86 -22.92 13.80
C LEU B 70 -4.65 -22.74 15.29
N GLY B 71 -5.72 -22.54 16.01
CA GLY B 71 -5.65 -22.17 17.41
C GLY B 71 -5.45 -20.69 17.71
N VAL B 72 -5.44 -19.86 16.67
CA VAL B 72 -5.34 -18.39 16.78
C VAL B 72 -6.28 -17.83 15.77
N GLU B 73 -6.72 -16.59 15.99
CA GLU B 73 -7.70 -15.99 15.14
C GLU B 73 -7.31 -14.54 14.85
N LYS B 74 -7.82 -14.02 13.78
CA LYS B 74 -7.66 -12.61 13.49
C LYS B 74 -8.42 -11.84 14.60
N PRO B 75 -7.92 -10.68 15.01
CA PRO B 75 -6.77 -9.89 14.56
C PRO B 75 -5.44 -10.17 15.25
N GLU B 76 -5.24 -11.35 15.83
CA GLU B 76 -3.98 -11.66 16.48
C GLU B 76 -2.90 -11.70 15.43
N GLU B 77 -1.72 -11.20 15.81
CA GLU B 77 -0.58 -11.15 14.94
C GLU B 77 -0.22 -12.56 14.46
N ALA B 78 -0.33 -13.52 15.35
CA ALA B 78 0.01 -14.91 15.07
C ALA B 78 -0.81 -15.49 13.90
N ALA B 79 -2.02 -15.01 13.75
CA ALA B 79 -2.87 -15.49 12.67
C ALA B 79 -2.33 -14.94 11.35
N PHE B 80 -1.98 -13.65 11.31
CA PHE B 80 -1.37 -13.09 10.10
C PHE B 80 -0.03 -13.70 9.79
N GLN B 81 0.75 -13.96 10.83
CA GLN B 81 2.05 -14.58 10.66
C GLN B 81 1.92 -15.97 10.06
N ALA B 82 0.90 -16.71 10.48
CA ALA B 82 0.65 -18.05 9.94
C ALA B 82 0.33 -18.02 8.44
N ALA B 83 -0.47 -17.05 8.02
CA ALA B 83 -0.82 -16.91 6.61
C ALA B 83 0.41 -16.55 5.78
N ALA B 84 1.22 -15.59 6.25
CA ALA B 84 2.45 -15.18 5.59
C ALA B 84 3.39 -16.41 5.46
N ASP B 85 3.51 -17.15 6.57
CA ASP B 85 4.35 -18.35 6.61
C ASP B 85 3.88 -19.39 5.62
N ALA B 86 2.57 -19.53 5.48
CA ALA B 86 1.98 -20.52 4.57
C ALA B 86 2.44 -20.33 3.14
N ILE B 87 2.73 -19.08 2.75
CA ILE B 87 3.17 -18.78 1.38
C ILE B 87 4.62 -18.30 1.34
N ASP B 88 5.35 -18.58 2.44
CA ASP B 88 6.81 -18.34 2.53
C ASP B 88 7.24 -16.88 2.32
N LEU B 89 6.49 -15.94 2.90
CA LEU B 89 6.75 -14.52 2.76
C LEU B 89 6.74 -13.89 4.13
N PRO B 90 7.49 -12.79 4.32
CA PRO B 90 7.38 -11.96 5.51
C PRO B 90 6.02 -11.25 5.51
N ARG B 92 5.32 -8.27 6.07
CA ARG B 92 5.38 -6.97 5.43
C ARG B 92 5.17 -7.03 3.93
N ASP B 93 5.34 -8.20 3.30
CA ASP B 93 5.16 -8.35 1.86
C ASP B 93 3.72 -8.76 1.49
N CYS B 94 2.82 -8.77 2.47
CA CYS B 94 1.46 -9.25 2.28
C CYS B 94 0.45 -8.16 2.46
N VAL B 95 -0.62 -8.29 1.72
CA VAL B 95 -1.85 -7.51 1.75
C VAL B 95 -2.96 -8.36 2.36
N LEU B 96 -3.67 -7.80 3.34
CA LEU B 96 -4.86 -8.44 3.89
C LEU B 96 -6.09 -7.72 3.35
N VAL B 97 -7.01 -8.48 2.78
CA VAL B 97 -8.30 -7.98 2.39
C VAL B 97 -9.39 -8.62 3.26
N ASP B 98 -10.11 -7.80 4.04
CA ASP B 98 -11.04 -8.33 5.03
C ASP B 98 -12.18 -7.31 5.24
N ASP B 99 -13.38 -7.80 5.48
CA ASP B 99 -14.52 -6.94 5.69
C ASP B 99 -14.68 -6.47 7.12
N SER B 100 -13.75 -6.84 8.00
CA SER B 100 -13.72 -6.37 9.38
CA SER B 100 -13.72 -6.34 9.37
C SER B 100 -12.65 -5.31 9.57
N ILE B 101 -13.08 -4.13 9.96
CA ILE B 101 -12.14 -3.01 10.14
CA ILE B 101 -12.20 -2.98 10.19
C ILE B 101 -11.13 -3.35 11.21
N LEU B 102 -11.55 -4.05 12.26
CA LEU B 102 -10.65 -4.48 13.30
C LEU B 102 -9.59 -5.44 12.76
N ASN B 103 -9.97 -6.34 11.86
CA ASN B 103 -8.95 -7.24 11.32
C ASN B 103 -7.95 -6.48 10.40
N VAL B 104 -8.47 -5.51 9.68
CA VAL B 104 -7.63 -4.72 8.78
C VAL B 104 -6.67 -3.89 9.57
N ARG B 105 -7.18 -3.28 10.63
CA ARG B 105 -6.36 -2.43 11.50
C ARG B 105 -5.28 -3.28 12.21
N GLY B 106 -5.65 -4.46 12.70
CA GLY B 106 -4.69 -5.39 13.28
C GLY B 106 -3.59 -5.81 12.32
N ALA B 107 -3.97 -6.02 11.06
CA ALA B 107 -3.01 -6.38 9.97
C ALA B 107 -2.01 -5.26 9.73
N VAL B 108 -2.53 -4.04 9.61
CA VAL B 108 -1.67 -2.84 9.47
C VAL B 108 -0.73 -2.70 10.68
N GLU B 109 -1.24 -2.92 11.89
CA GLU B 109 -0.40 -2.85 13.08
C GLU B 109 0.73 -3.91 13.05
N ALA B 110 0.45 -5.06 12.44
CA ALA B 110 1.43 -6.15 12.31
C ALA B 110 2.42 -5.90 11.15
N GLY B 111 2.21 -4.84 10.38
CA GLY B 111 3.09 -4.53 9.25
C GLY B 111 2.63 -4.94 7.87
N LEU B 112 1.45 -5.55 7.74
CA LEU B 112 0.88 -5.85 6.44
C LEU B 112 0.28 -4.57 5.84
N VAL B 113 0.02 -4.59 4.54
CA VAL B 113 -0.81 -3.59 3.87
C VAL B 113 -2.24 -4.05 4.05
N GLY B 114 -3.10 -3.15 4.48
CA GLY B 114 -4.49 -3.48 4.74
C GLY B 114 -5.40 -2.96 3.64
N VAL B 115 -6.40 -3.75 3.28
CA VAL B 115 -7.48 -3.32 2.37
C VAL B 115 -8.82 -3.67 3.05
N TYR B 116 -9.63 -2.66 3.31
CA TYR B 116 -10.95 -2.85 3.89
C TYR B 116 -11.97 -3.18 2.80
N TYR B 117 -12.67 -4.28 2.99
CA TYR B 117 -13.59 -4.79 1.95
C TYR B 117 -15.02 -4.47 2.30
N GLN B 118 -15.58 -3.48 1.62
CA GLN B 118 -17.00 -3.20 1.78
C GLN B 118 -17.72 -3.45 0.47
N GLN B 119 -17.09 -3.17 -0.65
CA GLN B 119 -17.67 -3.51 -1.93
C GLN B 119 -16.56 -3.83 -2.91
N PHE B 120 -16.83 -4.79 -3.79
CA PHE B 120 -15.82 -5.23 -4.74
C PHE B 120 -15.28 -4.06 -5.55
N ASP B 121 -16.12 -3.16 -6.03
CA ASP B 121 -15.63 -2.10 -6.96
C ASP B 121 -14.56 -1.22 -6.32
N ARG B 122 -14.71 -0.97 -5.04
CA ARG B 122 -13.75 -0.11 -4.30
C ARG B 122 -12.48 -0.92 -4.03
N ALA B 123 -12.64 -2.11 -3.48
CA ALA B 123 -11.49 -2.94 -3.16
C ALA B 123 -10.61 -3.34 -4.32
N VAL B 124 -11.20 -3.65 -5.48
CA VAL B 124 -10.45 -4.14 -6.65
C VAL B 124 -9.47 -3.10 -7.14
N VAL B 125 -9.80 -1.81 -7.00
CA VAL B 125 -8.91 -0.76 -7.42
C VAL B 125 -7.62 -0.82 -6.60
N GLU B 126 -7.75 -1.02 -5.29
CA GLU B 126 -6.63 -1.08 -4.37
C GLU B 126 -5.79 -2.31 -4.67
N ILE B 127 -6.44 -3.46 -4.83
CA ILE B 127 -5.74 -4.72 -5.08
C ILE B 127 -4.96 -4.72 -6.37
N VAL B 128 -5.62 -4.30 -7.42
CA VAL B 128 -4.99 -4.24 -8.71
C VAL B 128 -3.80 -3.27 -8.65
N GLY B 129 -3.96 -2.15 -7.96
CA GLY B 129 -2.88 -1.15 -7.87
C GLY B 129 -1.69 -1.65 -7.07
N LEU B 130 -1.97 -2.35 -5.98
CA LEU B 130 -0.93 -2.87 -5.08
C LEU B 130 -0.08 -3.93 -5.80
N PHE B 131 -0.69 -4.73 -6.66
CA PHE B 131 0.03 -5.84 -7.30
C PHE B 131 0.40 -5.59 -8.72
N GLY B 132 -0.05 -4.47 -9.30
CA GLY B 132 0.28 -4.16 -10.66
C GLY B 132 -0.35 -5.04 -11.72
N LEU B 133 -1.58 -5.48 -11.46
CA LEU B 133 -2.29 -6.36 -12.35
C LEU B 133 -2.85 -5.59 -13.54
N GLU B 134 -2.88 -6.21 -14.72
CA GLU B 134 -3.49 -5.62 -15.90
C GLU B 134 -4.86 -6.22 -16.08
N GLY B 135 -5.75 -5.41 -16.60
CA GLY B 135 -7.11 -5.87 -16.86
C GLY B 135 -8.06 -5.12 -15.97
N GLU B 136 -9.33 -5.27 -16.31
CA GLU B 136 -10.42 -4.76 -15.53
C GLU B 136 -11.26 -5.96 -15.07
N PHE B 137 -11.59 -5.92 -13.79
CA PHE B 137 -12.16 -7.07 -13.13
C PHE B 137 -13.53 -6.71 -12.60
#